data_2IVP
#
_entry.id   2IVP
#
_cell.length_a   61.688
_cell.length_b   69.914
_cell.length_c   74.306
_cell.angle_alpha   90.00
_cell.angle_beta   90.00
_cell.angle_gamma   90.00
#
_symmetry.space_group_name_H-M   'P 21 21 21'
#
loop_
_entity.id
_entity.type
_entity.pdbx_description
1 polymer 'O-SIALOGLYCOPROTEIN ENDOPEPTIDASE'
2 non-polymer 'FE (II) ION'
3 non-polymer "ADENOSINE-5'-TRIPHOSPHATE"
#
_entity_poly.entity_id   1
_entity_poly.type   'polypeptide(L)'
_entity_poly.pdbx_seq_one_letter_code
;MLALGIEGTAHTLGIGIVSEDKVLANVFDTLTTEKGGIHPKEAAEHHARLMKPLLRKALSEAGVSLDDIDVIAFSQGPGL
GPALRVVATAARALAVKYRKPIVGVNHCIAHVEITKMFGVKDPVGLYVSGGNTQVLALEGGRYRVFGETLDIGIGNAIDV
FARELGLGFPGGPKVEKLAEKGEKYIELPYAVKGMDLSFSGLLTEAIRKYRSGKYRVEDLAYSFQETAFAALVEVTERAV
AHTEKDEVVLVGGVAANNRLREMLRIMTEDRGIKFFVPPYDLCRDNGAMIAYTGLRMYKAGISFRLEETIVKQKFRTDEV
EIVWHHHHHH
;
_entity_poly.pdbx_strand_id   A
#
# COMPACT_ATOMS: atom_id res chain seq x y z
N MET A 1 14.31 1.55 20.81
CA MET A 1 12.92 1.75 21.31
C MET A 1 11.97 0.86 20.56
N LEU A 2 10.76 0.70 21.10
CA LEU A 2 9.74 -0.13 20.43
C LEU A 2 8.46 0.65 20.14
N ALA A 3 7.80 0.30 19.05
CA ALA A 3 6.58 0.93 18.63
C ALA A 3 5.56 -0.11 18.26
N LEU A 4 4.32 0.09 18.71
CA LEU A 4 3.20 -0.73 18.27
C LEU A 4 2.43 0.02 17.18
N GLY A 5 2.07 -0.69 16.12
CA GLY A 5 1.36 -0.07 15.02
C GLY A 5 0.07 -0.79 14.69
N ILE A 6 -1.01 -0.02 14.50
CA ILE A 6 -2.29 -0.57 14.08
C ILE A 6 -2.72 -0.03 12.72
N GLU A 7 -2.83 -0.94 11.75
CA GLU A 7 -3.24 -0.62 10.39
C GLU A 7 -4.65 -1.14 10.13
N GLY A 8 -5.50 -0.28 9.56
CA GLY A 8 -6.83 -0.70 9.15
C GLY A 8 -7.56 0.27 8.24
N THR A 9 -6.84 0.80 7.24
CA THR A 9 -7.42 1.75 6.27
C THR A 9 -8.51 1.11 5.40
N ALA A 10 -8.32 -0.16 5.05
CA ALA A 10 -9.28 -0.90 4.23
C ALA A 10 -9.67 -2.24 4.87
N HIS A 11 -9.63 -3.33 4.10
CA HIS A 11 -10.15 -4.62 4.55
C HIS A 11 -9.24 -5.38 5.49
N THR A 12 -7.99 -4.98 5.54
CA THR A 12 -7.02 -5.68 6.36
C THR A 12 -6.87 -4.97 7.70
N LEU A 13 -6.95 -5.75 8.78
CA LEU A 13 -6.47 -5.32 10.08
C LEU A 13 -5.09 -5.93 10.26
N GLY A 14 -4.11 -5.08 10.60
CA GLY A 14 -2.74 -5.51 10.81
C GLY A 14 -2.14 -4.87 12.03
N ILE A 15 -1.50 -5.67 12.87
CA ILE A 15 -0.75 -5.13 14.01
C ILE A 15 0.71 -5.55 13.93
N GLY A 16 1.59 -4.57 14.02
CA GLY A 16 3.02 -4.80 13.98
C GLY A 16 3.72 -4.20 15.18
N ILE A 17 4.85 -4.82 15.55
CA ILE A 17 5.74 -4.27 16.57
C ILE A 17 7.15 -4.25 15.99
N VAL A 18 7.80 -3.09 16.07
CA VAL A 18 9.11 -2.90 15.46
C VAL A 18 10.06 -2.15 16.39
N SER A 19 11.36 -2.33 16.17
CA SER A 19 12.38 -1.44 16.72
C SER A 19 12.85 -0.53 15.57
N GLU A 20 13.95 0.20 15.76
CA GLU A 20 14.54 0.99 14.67
C GLU A 20 15.12 0.07 13.58
N ASP A 21 15.54 -1.13 14.00
CA ASP A 21 16.25 -2.05 13.12
C ASP A 21 15.45 -3.28 12.73
N LYS A 22 14.49 -3.68 13.58
CA LYS A 22 13.83 -4.98 13.44
C LYS A 22 12.31 -4.96 13.47
N VAL A 23 11.72 -5.91 12.73
CA VAL A 23 10.32 -6.27 12.90
C VAL A 23 10.25 -7.39 13.95
N LEU A 24 9.53 -7.13 15.04
CA LEU A 24 9.35 -8.12 16.12
C LEU A 24 8.12 -9.01 15.89
N ALA A 25 7.02 -8.39 15.45
CA ALA A 25 5.80 -9.12 15.08
C ALA A 25 5.07 -8.38 13.97
N ASN A 26 4.42 -9.14 13.09
CA ASN A 26 3.68 -8.58 11.97
C ASN A 26 2.54 -9.54 11.64
N VAL A 27 1.36 -9.25 12.16
CA VAL A 27 0.23 -10.17 12.05
C VAL A 27 -0.99 -9.51 11.42
N PHE A 28 -1.76 -10.31 10.70
CA PHE A 28 -2.83 -9.84 9.82
C PHE A 28 -4.11 -10.61 10.04
N ASP A 29 -5.20 -10.00 9.59
CA ASP A 29 -6.45 -10.68 9.33
C ASP A 29 -7.26 -9.79 8.40
N THR A 30 -7.61 -10.34 7.23
CA THR A 30 -8.31 -9.59 6.20
C THR A 30 -9.77 -10.01 6.17
N LEU A 31 -10.65 -9.05 5.89
CA LEU A 31 -12.07 -9.33 5.76
C LEU A 31 -12.34 -10.12 4.49
N THR A 32 -12.77 -11.37 4.66
CA THR A 32 -13.14 -12.22 3.53
C THR A 32 -14.39 -11.67 2.85
N THR A 33 -14.20 -11.17 1.63
CA THR A 33 -15.30 -10.77 0.76
C THR A 33 -15.35 -11.74 -0.41
N GLU A 34 -16.32 -12.64 -0.39
CA GLU A 34 -16.46 -13.64 -1.46
C GLU A 34 -16.96 -13.01 -2.77
N LYS A 35 -17.81 -11.99 -2.63
CA LYS A 35 -18.36 -11.25 -3.79
C LYS A 35 -17.51 -10.04 -4.26
N GLY A 36 -16.32 -9.88 -3.67
CA GLY A 36 -15.42 -8.76 -3.99
C GLY A 36 -15.90 -7.40 -3.48
N GLY A 37 -15.37 -6.32 -4.06
CA GLY A 37 -15.84 -4.96 -3.76
C GLY A 37 -15.44 -4.42 -2.39
N ILE A 38 -15.84 -3.16 -2.13
CA ILE A 38 -15.50 -2.45 -0.89
C ILE A 38 -16.71 -2.38 0.06
N HIS A 39 -16.52 -2.84 1.29
CA HIS A 39 -17.58 -2.86 2.28
C HIS A 39 -17.17 -2.13 3.56
N PRO A 40 -17.40 -0.79 3.59
CA PRO A 40 -16.92 0.05 4.71
C PRO A 40 -17.38 -0.41 6.10
N LYS A 41 -18.68 -0.68 6.25
CA LYS A 41 -19.25 -1.08 7.55
C LYS A 41 -18.87 -2.49 7.98
N GLU A 42 -18.83 -3.41 7.02
CA GLU A 42 -18.44 -4.80 7.25
C GLU A 42 -17.00 -4.89 7.76
N ALA A 43 -16.14 -4.03 7.20
CA ALA A 43 -14.73 -3.96 7.59
C ALA A 43 -14.59 -3.44 9.02
N ALA A 44 -15.36 -2.43 9.37
CA ALA A 44 -15.35 -1.86 10.71
C ALA A 44 -15.71 -2.90 11.77
N GLU A 45 -16.68 -3.76 11.46
CA GLU A 45 -17.11 -4.83 12.37
C GLU A 45 -16.03 -5.91 12.50
N HIS A 46 -15.37 -6.23 11.39
CA HIS A 46 -14.26 -7.16 11.38
C HIS A 46 -13.14 -6.63 12.26
N HIS A 47 -12.89 -5.33 12.16
CA HIS A 47 -11.79 -4.71 12.87
C HIS A 47 -12.04 -4.64 14.38
N ALA A 48 -13.26 -4.24 14.77
CA ALA A 48 -13.65 -4.27 16.19
C ALA A 48 -13.56 -5.68 16.78
N ARG A 49 -14.06 -6.67 16.03
CA ARG A 49 -14.02 -8.06 16.45
C ARG A 49 -12.60 -8.61 16.59
N LEU A 50 -11.76 -8.43 15.56
CA LEU A 50 -10.42 -9.04 15.56
C LEU A 50 -9.35 -8.30 16.36
N MET A 51 -9.70 -7.12 16.87
CA MET A 51 -8.72 -6.23 17.52
C MET A 51 -7.93 -6.87 18.67
N LYS A 52 -8.62 -7.31 19.72
CA LYS A 52 -7.97 -7.96 20.88
C LYS A 52 -7.20 -9.25 20.52
N PRO A 53 -7.83 -10.16 19.75
CA PRO A 53 -7.14 -11.37 19.27
C PRO A 53 -5.79 -11.09 18.58
N LEU A 54 -5.77 -10.14 17.64
CA LEU A 54 -4.54 -9.82 16.90
C LEU A 54 -3.50 -9.14 17.79
N LEU A 55 -3.96 -8.32 18.72
CA LEU A 55 -3.07 -7.68 19.69
C LEU A 55 -2.35 -8.72 20.56
N ARG A 56 -3.10 -9.70 21.04
CA ARG A 56 -2.54 -10.79 21.85
C ARG A 56 -1.51 -11.62 21.06
N LYS A 57 -1.84 -11.96 19.82
CA LYS A 57 -0.96 -12.73 18.95
C LYS A 57 0.31 -11.94 18.59
N ALA A 58 0.16 -10.64 18.37
CA ALA A 58 1.30 -9.77 18.10
C ALA A 58 2.25 -9.67 19.29
N LEU A 59 1.70 -9.58 20.49
CA LEU A 59 2.51 -9.43 21.69
C LEU A 59 3.25 -10.71 22.04
N SER A 60 2.57 -11.84 21.83
CA SER A 60 3.18 -13.16 21.99
C SER A 60 4.31 -13.38 20.98
N GLU A 61 4.06 -13.09 19.70
CA GLU A 61 5.09 -13.23 18.67
C GLU A 61 6.30 -12.33 18.90
N ALA A 62 6.07 -11.09 19.34
CA ALA A 62 7.16 -10.16 19.69
C ALA A 62 7.89 -10.56 20.97
N GLY A 63 7.12 -11.08 21.94
CA GLY A 63 7.68 -11.46 23.23
C GLY A 63 7.92 -10.28 24.15
N VAL A 64 6.99 -9.33 24.14
CA VAL A 64 7.03 -8.19 25.06
C VAL A 64 5.65 -7.91 25.64
N SER A 65 5.62 -7.14 26.73
CA SER A 65 4.36 -6.64 27.27
C SER A 65 4.05 -5.28 26.63
N LEU A 66 2.81 -4.80 26.81
CA LEU A 66 2.42 -3.48 26.34
C LEU A 66 3.14 -2.34 27.07
N ASP A 67 3.70 -2.63 28.24
CA ASP A 67 4.49 -1.64 28.97
C ASP A 67 5.92 -1.51 28.47
N ASP A 68 6.36 -2.47 27.64
CA ASP A 68 7.62 -2.34 26.91
C ASP A 68 7.55 -1.25 25.82
N ILE A 69 6.37 -1.07 25.25
CA ILE A 69 6.15 -0.19 24.10
C ILE A 69 6.38 1.28 24.43
N ASP A 70 7.14 1.97 23.60
CA ASP A 70 7.43 3.39 23.81
C ASP A 70 6.39 4.31 23.19
N VAL A 71 5.78 3.87 22.09
CA VAL A 71 4.83 4.70 21.35
C VAL A 71 3.79 3.86 20.61
N ILE A 72 2.56 4.35 20.57
CA ILE A 72 1.48 3.69 19.85
C ILE A 72 1.15 4.46 18.57
N ALA A 73 1.20 3.75 17.45
CA ALA A 73 0.98 4.34 16.14
C ALA A 73 -0.24 3.70 15.45
N PHE A 74 -1.04 4.53 14.77
CA PHE A 74 -2.18 4.04 14.02
C PHE A 74 -2.26 4.71 12.66
N SER A 75 -2.86 4.00 11.70
CA SER A 75 -3.10 4.53 10.37
C SER A 75 -4.27 5.51 10.41
N GLN A 76 -3.97 6.77 10.15
CA GLN A 76 -4.92 7.87 10.26
C GLN A 76 -5.67 8.09 8.94
N GLY A 77 -5.13 7.52 7.86
CA GLY A 77 -5.69 7.74 6.55
C GLY A 77 -4.60 7.83 5.49
N PRO A 78 -5.00 7.99 4.21
CA PRO A 78 -6.39 8.01 3.78
C PRO A 78 -7.00 6.61 3.90
N GLY A 79 -8.31 6.49 3.85
CA GLY A 79 -8.95 5.19 3.92
C GLY A 79 -10.44 5.30 4.08
N LEU A 80 -11.05 4.24 4.61
CA LEU A 80 -12.49 4.17 4.83
C LEU A 80 -12.88 4.63 6.24
N GLY A 81 -13.71 5.66 6.31
CA GLY A 81 -14.16 6.25 7.58
C GLY A 81 -14.38 5.27 8.73
N PRO A 82 -15.41 4.41 8.62
CA PRO A 82 -15.82 3.53 9.74
C PRO A 82 -14.69 2.59 10.21
N ALA A 83 -13.86 2.15 9.25
CA ALA A 83 -12.72 1.29 9.53
C ALA A 83 -11.61 2.06 10.26
N LEU A 84 -11.26 3.24 9.73
CA LEU A 84 -10.30 4.12 10.39
C LEU A 84 -10.73 4.49 11.81
N ARG A 85 -12.04 4.68 12.01
CA ARG A 85 -12.57 5.11 13.30
C ARG A 85 -12.46 4.07 14.41
N VAL A 86 -12.52 2.79 14.02
CA VAL A 86 -12.35 1.66 14.94
C VAL A 86 -10.87 1.47 15.31
N VAL A 87 -10.00 1.69 14.34
CA VAL A 87 -8.55 1.71 14.53
C VAL A 87 -8.12 2.86 15.43
N ALA A 88 -8.62 4.06 15.18
CA ALA A 88 -8.28 5.23 16.01
C ALA A 88 -8.72 5.09 17.46
N THR A 89 -9.94 4.59 17.67
CA THR A 89 -10.49 4.30 19.00
C THR A 89 -9.63 3.29 19.79
N ALA A 90 -9.25 2.20 19.12
CA ALA A 90 -8.39 1.18 19.73
C ALA A 90 -7.03 1.74 20.12
N ALA A 91 -6.46 2.56 19.23
CA ALA A 91 -5.14 3.18 19.47
C ALA A 91 -5.20 4.18 20.63
N ARG A 92 -6.25 5.01 20.64
CA ARG A 92 -6.49 5.94 21.74
C ARG A 92 -6.78 5.22 23.07
N ALA A 93 -7.43 4.06 23.02
CA ALA A 93 -7.77 3.31 24.24
C ALA A 93 -6.54 2.64 24.85
N LEU A 94 -5.61 2.20 24.00
CA LEU A 94 -4.33 1.63 24.46
C LEU A 94 -3.41 2.71 24.99
N ALA A 95 -3.43 3.88 24.34
CA ALA A 95 -2.63 5.00 24.77
C ALA A 95 -2.99 5.48 26.19
N VAL A 96 -4.29 5.58 26.47
CA VAL A 96 -4.76 5.98 27.79
C VAL A 96 -4.44 4.91 28.85
N LYS A 97 -4.81 3.67 28.56
CA LYS A 97 -4.66 2.56 29.49
C LYS A 97 -3.22 2.40 29.98
N TYR A 98 -2.25 2.55 29.07
CA TYR A 98 -0.84 2.33 29.40
C TYR A 98 -0.06 3.63 29.43
N ARG A 99 -0.79 4.74 29.40
CA ARG A 99 -0.23 6.11 29.42
C ARG A 99 0.95 6.28 28.46
N LYS A 100 0.74 5.89 27.20
CA LYS A 100 1.75 5.99 26.15
C LYS A 100 1.44 7.15 25.22
N PRO A 101 2.50 7.74 24.62
CA PRO A 101 2.25 8.75 23.59
C PRO A 101 1.66 8.12 22.32
N ILE A 102 0.89 8.91 21.57
CA ILE A 102 0.20 8.42 20.38
C ILE A 102 0.55 9.23 19.13
N VAL A 103 0.63 8.56 17.98
CA VAL A 103 0.92 9.23 16.73
C VAL A 103 0.04 8.70 15.59
N GLY A 104 -0.54 9.61 14.82
CA GLY A 104 -1.33 9.24 13.65
C GLY A 104 -0.44 9.26 12.44
N VAL A 105 -0.46 8.15 11.68
CA VAL A 105 0.48 7.93 10.58
C VAL A 105 -0.25 7.91 9.23
N ASN A 106 0.36 8.55 8.24
CA ASN A 106 -0.17 8.53 6.88
C ASN A 106 0.15 7.21 6.18
N HIS A 107 -0.90 6.55 5.73
CA HIS A 107 -0.82 5.19 5.17
C HIS A 107 0.13 5.03 3.98
N CYS A 108 0.06 5.94 3.01
CA CYS A 108 0.92 5.90 1.81
C CYS A 108 2.37 6.19 2.11
N ILE A 109 2.61 7.12 3.03
CA ILE A 109 3.96 7.48 3.44
C ILE A 109 4.63 6.29 4.11
N ALA A 110 3.85 5.55 4.92
CA ALA A 110 4.33 4.36 5.63
C ALA A 110 4.76 3.24 4.69
N HIS A 111 4.10 3.12 3.55
CA HIS A 111 4.44 2.11 2.56
C HIS A 111 5.84 2.33 2.02
N VAL A 112 6.22 3.60 1.87
CA VAL A 112 7.53 3.94 1.33
C VAL A 112 8.60 3.93 2.42
N GLU A 113 8.27 4.54 3.56
CA GLU A 113 9.19 4.63 4.70
C GLU A 113 9.71 3.29 5.24
N ILE A 114 8.90 2.24 5.16
CA ILE A 114 9.30 0.94 5.70
C ILE A 114 10.57 0.40 5.04
N THR A 115 10.80 0.78 3.79
CA THR A 115 11.98 0.35 3.03
C THR A 115 13.29 0.92 3.60
N LYS A 116 13.17 1.96 4.42
CA LYS A 116 14.33 2.59 5.06
C LYS A 116 14.88 1.72 6.19
N MET A 117 14.05 0.79 6.67
CA MET A 117 14.47 -0.23 7.64
C MET A 117 15.50 -1.15 7.01
N PHE A 118 15.50 -1.20 5.68
CA PHE A 118 16.37 -2.10 4.93
C PHE A 118 17.52 -1.38 4.23
N GLY A 119 17.78 -0.14 4.62
CA GLY A 119 18.92 0.61 4.12
C GLY A 119 18.68 1.40 2.84
N VAL A 120 17.41 1.64 2.52
CA VAL A 120 17.08 2.54 1.42
C VAL A 120 17.11 3.99 1.94
N LYS A 121 17.82 4.86 1.24
CA LYS A 121 18.03 6.23 1.68
C LYS A 121 16.91 7.20 1.29
N ASP A 122 16.73 7.42 -0.01
CA ASP A 122 15.86 8.47 -0.55
C ASP A 122 15.33 8.09 -1.94
N PRO A 123 14.29 7.26 -2.00
CA PRO A 123 13.84 6.73 -3.27
C PRO A 123 12.65 7.45 -3.92
N VAL A 124 12.42 7.14 -5.20
CA VAL A 124 11.12 7.30 -5.82
C VAL A 124 10.36 6.02 -5.47
N GLY A 125 9.18 6.19 -4.88
CA GLY A 125 8.36 5.06 -4.48
C GLY A 125 7.21 4.83 -5.42
N LEU A 126 7.14 3.64 -6.01
CA LEU A 126 5.96 3.21 -6.75
C LEU A 126 5.05 2.42 -5.81
N TYR A 127 3.96 3.06 -5.38
CA TYR A 127 3.01 2.44 -4.48
C TYR A 127 1.80 2.00 -5.29
N VAL A 128 1.61 0.68 -5.37
CA VAL A 128 0.53 0.07 -6.15
C VAL A 128 -0.25 -0.96 -5.33
N SER A 129 -1.54 -0.69 -5.15
CA SER A 129 -2.42 -1.60 -4.43
C SER A 129 -3.83 -1.66 -5.04
N GLY A 130 -4.77 -2.21 -4.26
CA GLY A 130 -6.17 -2.27 -4.64
C GLY A 130 -6.79 -0.89 -4.80
N GLY A 131 -6.75 -0.10 -3.75
CA GLY A 131 -7.37 1.23 -3.75
C GLY A 131 -6.48 2.36 -4.23
N ASN A 132 -5.17 2.24 -4.02
CA ASN A 132 -4.25 3.32 -4.36
C ASN A 132 -3.25 2.95 -5.44
N THR A 133 -2.75 3.97 -6.10
CA THR A 133 -1.71 3.85 -7.12
C THR A 133 -1.09 5.24 -7.21
N GLN A 134 0.11 5.37 -6.65
CA GLN A 134 0.79 6.65 -6.53
C GLN A 134 2.29 6.52 -6.75
N VAL A 135 2.88 7.50 -7.42
CA VAL A 135 4.32 7.61 -7.49
C VAL A 135 4.70 8.80 -6.61
N LEU A 136 5.49 8.55 -5.58
CA LEU A 136 5.84 9.59 -4.60
C LEU A 136 7.31 9.60 -4.22
N ALA A 137 7.80 10.79 -3.86
CA ALA A 137 9.20 11.02 -3.54
C ALA A 137 9.38 12.27 -2.69
N LEU A 138 10.50 12.33 -1.98
CA LEU A 138 10.82 13.48 -1.13
C LEU A 138 11.24 14.67 -1.98
N GLU A 139 10.52 15.78 -1.83
CA GLU A 139 10.85 17.02 -2.50
C GLU A 139 10.38 18.22 -1.68
N GLY A 140 11.33 19.01 -1.21
CA GLY A 140 11.04 20.22 -0.43
C GLY A 140 10.49 19.92 0.95
N GLY A 141 11.10 18.95 1.63
CA GLY A 141 10.73 18.61 3.01
C GLY A 141 9.48 17.77 3.18
N ARG A 142 8.94 17.25 2.08
CA ARG A 142 7.67 16.50 2.11
C ARG A 142 7.55 15.55 0.91
N TYR A 143 6.63 14.58 1.02
CA TYR A 143 6.36 13.65 -0.08
C TYR A 143 5.48 14.27 -1.15
N ARG A 144 5.99 14.30 -2.38
CA ARG A 144 5.24 14.83 -3.49
C ARG A 144 4.66 13.69 -4.32
N VAL A 145 3.39 13.79 -4.66
CA VAL A 145 2.78 12.86 -5.58
C VAL A 145 3.09 13.38 -6.98
N PHE A 146 3.76 12.55 -7.78
CA PHE A 146 4.17 12.92 -9.12
C PHE A 146 3.16 12.42 -10.15
N GLY A 147 2.56 11.28 -9.85
CA GLY A 147 1.47 10.72 -10.64
C GLY A 147 0.65 9.79 -9.77
N GLU A 148 -0.65 10.00 -9.73
CA GLU A 148 -1.55 9.06 -9.06
C GLU A 148 -2.66 8.62 -10.02
N THR A 149 -3.47 7.66 -9.59
CA THR A 149 -4.59 7.23 -10.42
C THR A 149 -5.69 8.30 -10.46
N LEU A 150 -6.24 8.53 -11.64
CA LEU A 150 -7.35 9.46 -11.79
C LEU A 150 -8.66 8.85 -11.36
N ASP A 151 -8.70 7.51 -11.31
CA ASP A 151 -9.95 6.78 -11.11
C ASP A 151 -9.83 5.68 -10.07
N ILE A 152 -9.45 4.48 -10.50
CA ILE A 152 -9.31 3.31 -9.63
C ILE A 152 -7.84 2.90 -9.49
N GLY A 153 -7.51 2.22 -8.39
CA GLY A 153 -6.16 1.68 -8.20
C GLY A 153 -5.93 0.51 -9.15
N ILE A 154 -4.68 0.26 -9.51
CA ILE A 154 -4.39 -0.83 -10.45
C ILE A 154 -4.83 -2.19 -9.93
N GLY A 155 -4.69 -2.40 -8.63
CA GLY A 155 -5.15 -3.63 -7.97
C GLY A 155 -6.65 -3.82 -8.12
N ASN A 156 -7.42 -2.76 -7.86
CA ASN A 156 -8.88 -2.79 -8.05
C ASN A 156 -9.27 -3.07 -9.50
N ALA A 157 -8.56 -2.43 -10.44
CA ALA A 157 -8.77 -2.65 -11.89
C ALA A 157 -8.54 -4.10 -12.30
N ILE A 158 -7.47 -4.71 -11.80
CA ILE A 158 -7.17 -6.12 -12.03
C ILE A 158 -8.24 -7.03 -11.39
N ASP A 159 -8.71 -6.65 -10.20
CA ASP A 159 -9.76 -7.36 -9.47
C ASP A 159 -11.10 -7.34 -10.18
N VAL A 160 -11.47 -6.19 -10.75
CA VAL A 160 -12.71 -6.06 -11.49
C VAL A 160 -12.65 -6.90 -12.77
N PHE A 161 -11.51 -6.86 -13.44
CA PHE A 161 -11.25 -7.69 -14.62
C PHE A 161 -11.30 -9.18 -14.29
N ALA A 162 -10.66 -9.56 -13.20
CA ALA A 162 -10.66 -10.94 -12.70
C ALA A 162 -12.07 -11.47 -12.41
N ARG A 163 -12.83 -10.69 -11.64
CA ARG A 163 -14.20 -11.01 -11.28
C ARG A 163 -15.06 -11.26 -12.52
N GLU A 164 -14.89 -10.42 -13.53
CA GLU A 164 -15.60 -10.55 -14.81
C GLU A 164 -15.15 -11.79 -15.59
N LEU A 165 -13.91 -12.20 -15.40
CA LEU A 165 -13.37 -13.40 -16.04
C LEU A 165 -13.70 -14.69 -15.28
N GLY A 166 -14.36 -14.56 -14.14
CA GLY A 166 -14.74 -15.71 -13.31
C GLY A 166 -13.72 -16.06 -12.25
N LEU A 167 -12.66 -15.25 -12.16
CA LEU A 167 -11.59 -15.42 -11.20
C LEU A 167 -11.92 -14.64 -9.92
N GLY A 168 -12.21 -15.34 -8.84
CA GLY A 168 -12.59 -14.68 -7.59
C GLY A 168 -11.49 -13.85 -6.94
N PHE A 169 -11.80 -13.22 -5.82
CA PHE A 169 -10.83 -12.43 -5.07
C PHE A 169 -9.86 -13.33 -4.29
N PRO A 170 -8.54 -13.01 -4.29
CA PRO A 170 -7.88 -11.85 -4.95
C PRO A 170 -7.53 -12.11 -6.42
N GLY A 171 -7.97 -11.20 -7.27
CA GLY A 171 -7.80 -11.35 -8.71
C GLY A 171 -6.38 -11.21 -9.24
N GLY A 172 -5.55 -10.47 -8.52
CA GLY A 172 -4.18 -10.16 -8.91
C GLY A 172 -3.26 -11.31 -9.31
N PRO A 173 -3.01 -12.27 -8.40
CA PRO A 173 -2.21 -13.47 -8.70
C PRO A 173 -2.83 -14.32 -9.81
N LYS A 174 -4.16 -14.41 -9.83
CA LYS A 174 -4.88 -15.18 -10.83
C LYS A 174 -4.68 -14.60 -12.23
N VAL A 175 -4.79 -13.28 -12.36
CA VAL A 175 -4.53 -12.58 -13.64
C VAL A 175 -3.07 -12.72 -14.08
N GLU A 176 -2.15 -12.71 -13.11
CA GLU A 176 -0.72 -12.88 -13.39
C GLU A 176 -0.44 -14.25 -13.98
N LYS A 177 -1.03 -15.28 -13.38
CA LYS A 177 -0.88 -16.65 -13.85
C LYS A 177 -1.41 -16.79 -15.28
N LEU A 178 -2.65 -16.34 -15.50
CA LEU A 178 -3.25 -16.30 -16.84
C LEU A 178 -2.40 -15.56 -17.86
N ALA A 179 -1.84 -14.42 -17.44
CA ALA A 179 -1.02 -13.57 -18.31
C ALA A 179 0.26 -14.25 -18.79
N GLU A 180 0.84 -15.12 -17.95
CA GLU A 180 2.09 -15.83 -18.27
C GLU A 180 1.94 -16.74 -19.49
N LYS A 181 0.71 -17.17 -19.75
CA LYS A 181 0.40 -18.09 -20.85
C LYS A 181 -0.10 -17.38 -22.11
N GLY A 182 -0.05 -16.05 -22.11
CA GLY A 182 -0.47 -15.25 -23.26
C GLY A 182 0.60 -15.24 -24.32
N GLU A 183 0.18 -15.16 -25.59
CA GLU A 183 1.09 -15.24 -26.75
C GLU A 183 0.91 -14.10 -27.74
N LYS A 184 -0.13 -13.29 -27.52
CA LYS A 184 -0.53 -12.29 -28.50
C LYS A 184 -0.86 -11.00 -27.79
N TYR A 185 -0.19 -9.92 -28.19
CA TYR A 185 -0.54 -8.61 -27.68
C TYR A 185 -1.75 -8.07 -28.44
N ILE A 186 -2.77 -7.70 -27.68
CA ILE A 186 -3.99 -7.12 -28.21
C ILE A 186 -4.06 -5.63 -27.80
N GLU A 187 -4.14 -4.76 -28.80
CA GLU A 187 -4.16 -3.32 -28.58
C GLU A 187 -5.23 -2.91 -27.57
N LEU A 188 -4.82 -2.10 -26.59
CA LEU A 188 -5.72 -1.61 -25.55
C LEU A 188 -5.34 -0.17 -25.23
N PRO A 189 -6.32 0.65 -24.78
CA PRO A 189 -6.08 2.08 -24.54
C PRO A 189 -4.91 2.34 -23.59
N TYR A 190 -4.09 3.34 -23.91
CA TYR A 190 -2.97 3.72 -23.04
C TYR A 190 -3.47 4.27 -21.71
N ALA A 191 -2.72 4.00 -20.64
CA ALA A 191 -3.18 4.33 -19.28
C ALA A 191 -2.52 5.57 -18.66
N VAL A 192 -1.77 6.31 -19.46
CA VAL A 192 -1.14 7.55 -19.02
C VAL A 192 -1.92 8.75 -19.54
N LYS A 193 -2.47 9.56 -18.64
CA LYS A 193 -3.10 10.82 -19.01
C LYS A 193 -2.43 11.97 -18.28
N GLY A 194 -1.59 12.71 -19.00
CA GLY A 194 -0.75 13.74 -18.43
C GLY A 194 0.30 13.11 -17.50
N MET A 195 0.26 13.52 -16.23
CA MET A 195 1.14 12.96 -15.21
C MET A 195 0.54 11.71 -14.56
N ASP A 196 -0.77 11.56 -14.70
CA ASP A 196 -1.51 10.61 -13.89
C ASP A 196 -1.95 9.36 -14.66
N LEU A 197 -2.41 8.37 -13.91
CA LEU A 197 -2.84 7.11 -14.50
C LEU A 197 -4.38 7.02 -14.58
N SER A 198 -4.86 6.45 -15.67
CA SER A 198 -6.27 6.17 -15.83
C SER A 198 -6.43 4.74 -16.32
N PHE A 199 -7.00 3.88 -15.48
CA PHE A 199 -7.14 2.46 -15.80
C PHE A 199 -8.56 2.12 -16.20
N SER A 200 -9.50 3.03 -15.92
CA SER A 200 -10.92 2.82 -16.17
C SER A 200 -11.23 2.58 -17.65
N GLY A 201 -10.57 3.34 -18.53
CA GLY A 201 -10.74 3.18 -19.97
C GLY A 201 -10.17 1.86 -20.45
N LEU A 202 -9.03 1.48 -19.90
CA LEU A 202 -8.35 0.22 -20.22
C LEU A 202 -9.20 -0.96 -19.77
N LEU A 203 -9.72 -0.85 -18.55
CA LEU A 203 -10.56 -1.89 -17.97
C LEU A 203 -11.81 -2.15 -18.80
N THR A 204 -12.59 -1.11 -19.07
CA THR A 204 -13.82 -1.25 -19.84
C THR A 204 -13.59 -1.83 -21.23
N GLU A 205 -12.46 -1.50 -21.85
CA GLU A 205 -12.13 -2.04 -23.15
C GLU A 205 -11.80 -3.53 -23.08
N ALA A 206 -11.04 -3.93 -22.07
CA ALA A 206 -10.69 -5.32 -21.84
C ALA A 206 -11.95 -6.16 -21.66
N ILE A 207 -12.89 -5.63 -20.88
CA ILE A 207 -14.16 -6.30 -20.62
C ILE A 207 -14.97 -6.42 -21.90
N ARG A 208 -15.00 -5.32 -22.67
CA ARG A 208 -15.73 -5.30 -23.93
C ARG A 208 -15.20 -6.38 -24.85
N LYS A 209 -13.88 -6.46 -24.97
CA LYS A 209 -13.23 -7.44 -25.81
C LYS A 209 -13.44 -8.87 -25.31
N TYR A 210 -13.51 -9.03 -23.99
CA TYR A 210 -13.79 -10.35 -23.41
C TYR A 210 -15.20 -10.81 -23.78
N ARG A 211 -16.17 -9.90 -23.63
CA ARG A 211 -17.56 -10.20 -23.96
C ARG A 211 -17.82 -10.44 -25.44
N SER A 212 -16.90 -10.03 -26.30
CA SER A 212 -17.04 -10.21 -27.75
C SER A 212 -16.85 -11.68 -28.18
N GLY A 213 -16.01 -12.40 -27.44
CA GLY A 213 -15.70 -13.79 -27.73
C GLY A 213 -14.52 -13.98 -28.66
N LYS A 214 -14.04 -12.89 -29.26
CA LYS A 214 -13.03 -12.95 -30.32
C LYS A 214 -11.62 -13.32 -29.86
N TYR A 215 -11.38 -13.37 -28.55
CA TYR A 215 -10.04 -13.47 -28.03
C TYR A 215 -9.80 -14.62 -27.04
N ARG A 216 -8.54 -14.99 -26.87
CA ARG A 216 -8.13 -15.85 -25.77
C ARG A 216 -8.08 -15.02 -24.50
N VAL A 217 -8.76 -15.49 -23.46
CA VAL A 217 -8.73 -14.85 -22.15
C VAL A 217 -7.28 -14.61 -21.65
N GLU A 218 -6.40 -15.58 -21.92
CA GLU A 218 -4.98 -15.51 -21.53
C GLU A 218 -4.23 -14.41 -22.26
N ASP A 219 -4.61 -14.19 -23.51
CA ASP A 219 -4.04 -13.11 -24.32
C ASP A 219 -4.54 -11.75 -23.86
N LEU A 220 -5.82 -11.70 -23.45
CA LEU A 220 -6.38 -10.48 -22.91
C LEU A 220 -5.74 -10.12 -21.58
N ALA A 221 -5.46 -11.13 -20.76
CA ALA A 221 -4.81 -10.94 -19.46
C ALA A 221 -3.38 -10.41 -19.64
N TYR A 222 -2.64 -11.04 -20.54
CA TYR A 222 -1.28 -10.63 -20.87
C TYR A 222 -1.27 -9.18 -21.35
N SER A 223 -2.17 -8.85 -22.28
CA SER A 223 -2.25 -7.49 -22.82
C SER A 223 -2.66 -6.48 -21.76
N PHE A 224 -3.56 -6.88 -20.86
CA PHE A 224 -4.01 -6.02 -19.79
C PHE A 224 -2.86 -5.60 -18.88
N GLN A 225 -2.01 -6.56 -18.51
CA GLN A 225 -0.85 -6.30 -17.68
C GLN A 225 0.22 -5.46 -18.35
N GLU A 226 0.57 -5.81 -19.58
CA GLU A 226 1.60 -5.06 -20.29
C GLU A 226 1.24 -3.58 -20.38
N THR A 227 0.00 -3.28 -20.77
CA THR A 227 -0.46 -1.89 -20.89
C THR A 227 -0.50 -1.16 -19.54
N ALA A 228 -1.03 -1.82 -18.51
CA ALA A 228 -1.15 -1.25 -17.18
C ALA A 228 0.22 -0.97 -16.58
N PHE A 229 1.12 -1.93 -16.72
CA PHE A 229 2.43 -1.87 -16.09
C PHE A 229 3.41 -0.96 -16.83
N ALA A 230 3.38 -0.99 -18.17
CA ALA A 230 4.21 -0.07 -18.97
C ALA A 230 3.96 1.38 -18.55
N ALA A 231 2.70 1.69 -18.27
CA ALA A 231 2.28 3.02 -17.84
C ALA A 231 2.87 3.35 -16.46
N LEU A 232 2.82 2.38 -15.54
CA LEU A 232 3.39 2.55 -14.22
C LEU A 232 4.89 2.82 -14.32
N VAL A 233 5.56 2.07 -15.19
CA VAL A 233 6.98 2.18 -15.40
C VAL A 233 7.33 3.56 -15.95
N GLU A 234 6.58 4.02 -16.94
CA GLU A 234 6.86 5.30 -17.59
C GLU A 234 6.71 6.49 -16.63
N VAL A 235 5.66 6.49 -15.81
CA VAL A 235 5.45 7.55 -14.82
C VAL A 235 6.47 7.48 -13.69
N THR A 236 6.99 6.28 -13.43
CA THR A 236 8.03 6.08 -12.44
C THR A 236 9.37 6.64 -12.96
N GLU A 237 9.69 6.31 -14.21
CA GLU A 237 10.88 6.82 -14.88
C GLU A 237 10.91 8.35 -14.94
N ARG A 238 9.77 8.97 -15.27
CA ARG A 238 9.68 10.44 -15.36
C ARG A 238 10.06 11.07 -14.02
N ALA A 239 9.61 10.46 -12.93
CA ALA A 239 9.85 10.96 -11.57
C ALA A 239 11.32 10.82 -11.19
N VAL A 240 11.91 9.67 -11.51
CA VAL A 240 13.33 9.43 -11.30
C VAL A 240 14.17 10.44 -12.06
N ALA A 241 13.76 10.75 -13.28
CA ALA A 241 14.46 11.71 -14.14
C ALA A 241 14.43 13.14 -13.58
N HIS A 242 13.28 13.55 -13.03
CA HIS A 242 13.15 14.88 -12.40
C HIS A 242 13.85 14.96 -11.03
N THR A 243 13.53 14.02 -10.14
CA THR A 243 14.09 14.00 -8.79
C THR A 243 15.60 13.71 -8.77
N GLU A 244 16.06 12.93 -9.75
CA GLU A 244 17.46 12.48 -9.84
C GLU A 244 17.86 11.61 -8.64
N LYS A 245 16.93 10.76 -8.21
CA LYS A 245 17.18 9.83 -7.12
C LYS A 245 17.77 8.51 -7.61
N ASP A 246 18.60 7.89 -6.76
CA ASP A 246 19.45 6.75 -7.15
C ASP A 246 18.83 5.38 -6.87
N GLU A 247 17.55 5.38 -6.48
CA GLU A 247 16.86 4.15 -6.10
C GLU A 247 15.35 4.29 -6.28
N VAL A 248 14.74 3.17 -6.69
CA VAL A 248 13.28 3.06 -6.81
C VAL A 248 12.81 1.97 -5.85
N VAL A 249 11.74 2.23 -5.11
CA VAL A 249 11.10 1.17 -4.36
C VAL A 249 9.72 0.88 -4.91
N LEU A 250 9.34 -0.41 -4.85
CA LEU A 250 8.02 -0.87 -5.29
C LEU A 250 7.33 -1.48 -4.09
N VAL A 251 6.20 -0.89 -3.70
CA VAL A 251 5.49 -1.24 -2.48
C VAL A 251 3.98 -1.32 -2.75
N GLY A 252 3.23 -1.86 -1.78
CA GLY A 252 1.81 -2.13 -1.97
C GLY A 252 1.55 -3.55 -2.39
N GLY A 253 0.31 -4.01 -2.20
CA GLY A 253 -0.08 -5.41 -2.42
C GLY A 253 0.27 -5.95 -3.81
N VAL A 254 0.25 -5.06 -4.81
CA VAL A 254 0.50 -5.42 -6.20
C VAL A 254 1.99 -5.68 -6.44
N ALA A 255 2.81 -5.28 -5.46
CA ALA A 255 4.26 -5.49 -5.51
C ALA A 255 4.70 -6.95 -5.56
N ALA A 256 3.76 -7.87 -5.35
CA ALA A 256 4.02 -9.31 -5.52
C ALA A 256 4.15 -9.71 -6.98
N ASN A 257 3.66 -8.86 -7.88
CA ASN A 257 3.61 -9.17 -9.31
C ASN A 257 4.99 -9.25 -9.93
N ASN A 258 5.36 -10.45 -10.40
CA ASN A 258 6.71 -10.71 -10.93
C ASN A 258 7.00 -10.06 -12.28
N ARG A 259 5.96 -9.90 -13.09
CA ARG A 259 6.09 -9.22 -14.36
C ARG A 259 6.33 -7.73 -14.18
N LEU A 260 5.66 -7.12 -13.20
CA LEU A 260 5.89 -5.72 -12.89
C LEU A 260 7.31 -5.47 -12.35
N ARG A 261 7.75 -6.31 -11.42
CA ARG A 261 9.14 -6.28 -10.95
C ARG A 261 10.11 -6.32 -12.11
N GLU A 262 9.97 -7.33 -12.96
CA GLU A 262 10.80 -7.56 -14.13
C GLU A 262 10.98 -6.28 -14.93
N MET A 263 9.86 -5.62 -15.25
CA MET A 263 9.87 -4.39 -16.04
C MET A 263 10.53 -3.21 -15.31
N LEU A 264 10.37 -3.14 -13.98
CA LEU A 264 11.04 -2.11 -13.20
C LEU A 264 12.55 -2.34 -13.10
N ARG A 265 12.95 -3.60 -12.95
CA ARG A 265 14.36 -3.99 -12.99
C ARG A 265 15.04 -3.58 -14.29
N ILE A 266 14.34 -3.80 -15.40
CA ILE A 266 14.83 -3.39 -16.71
C ILE A 266 15.05 -1.87 -16.74
N MET A 267 14.02 -1.10 -16.39
CA MET A 267 14.10 0.37 -16.36
C MET A 267 15.25 0.86 -15.48
N THR A 268 15.34 0.35 -14.26
CA THR A 268 16.35 0.79 -13.30
C THR A 268 17.79 0.44 -13.70
N GLU A 269 17.98 -0.73 -14.29
CA GLU A 269 19.31 -1.17 -14.73
C GLU A 269 19.76 -0.40 -15.97
N ASP A 270 18.82 -0.16 -16.88
CA ASP A 270 19.08 0.70 -18.05
C ASP A 270 19.47 2.13 -17.64
N ARG A 271 19.13 2.52 -16.41
CA ARG A 271 19.45 3.85 -15.89
C ARG A 271 20.61 3.82 -14.88
N GLY A 272 21.04 2.62 -14.50
CA GLY A 272 22.15 2.45 -13.55
C GLY A 272 21.81 2.77 -12.10
N ILE A 273 20.53 2.68 -11.74
CA ILE A 273 20.07 2.95 -10.37
C ILE A 273 19.58 1.69 -9.65
N LYS A 274 19.57 1.74 -8.32
CA LYS A 274 19.14 0.61 -7.49
C LYS A 274 17.64 0.32 -7.60
N PHE A 275 17.27 -0.91 -7.25
CA PHE A 275 15.88 -1.31 -7.18
C PHE A 275 15.70 -2.24 -5.97
N PHE A 276 14.65 -1.99 -5.21
CA PHE A 276 14.38 -2.76 -3.98
C PHE A 276 12.89 -2.92 -3.75
N VAL A 277 12.52 -4.14 -3.40
CA VAL A 277 11.17 -4.48 -3.00
C VAL A 277 11.23 -5.14 -1.64
N PRO A 278 10.53 -4.59 -0.64
CA PRO A 278 10.53 -5.21 0.69
C PRO A 278 9.86 -6.58 0.67
N PRO A 279 10.14 -7.42 1.69
CA PRO A 279 9.42 -8.69 1.86
C PRO A 279 7.90 -8.49 1.76
N TYR A 280 7.18 -9.46 1.21
CA TYR A 280 5.78 -9.22 0.88
C TYR A 280 4.86 -8.85 2.04
N ASP A 281 5.10 -9.43 3.22
CA ASP A 281 4.34 -9.07 4.43
C ASP A 281 4.50 -7.58 4.78
N LEU A 282 5.54 -6.94 4.23
CA LEU A 282 5.76 -5.50 4.40
C LEU A 282 5.38 -4.65 3.17
N CYS A 283 4.85 -5.29 2.12
CA CYS A 283 4.38 -4.61 0.91
C CYS A 283 2.90 -4.32 0.99
N ARG A 284 2.11 -5.37 1.18
CA ARG A 284 0.68 -5.24 1.42
C ARG A 284 0.43 -4.47 2.70
N ASP A 285 -0.81 -4.04 2.91
CA ASP A 285 -1.20 -3.37 4.16
C ASP A 285 -0.77 -4.19 5.36
N ASN A 286 -0.02 -3.56 6.26
CA ASN A 286 0.47 -4.20 7.48
C ASN A 286 0.63 -3.18 8.60
N GLY A 287 0.56 -3.65 9.83
CA GLY A 287 0.77 -2.76 10.98
C GLY A 287 2.21 -2.42 11.29
N ALA A 288 3.16 -3.18 10.73
CA ALA A 288 4.58 -2.96 10.99
C ALA A 288 5.09 -1.66 10.37
N MET A 289 4.65 -1.36 9.15
CA MET A 289 5.01 -0.11 8.46
C MET A 289 4.50 1.13 9.20
N ILE A 290 3.32 1.01 9.79
CA ILE A 290 2.75 2.05 10.66
C ILE A 290 3.63 2.22 11.89
N ALA A 291 3.96 1.10 12.52
CA ALA A 291 4.79 1.10 13.72
C ALA A 291 6.11 1.80 13.44
N TYR A 292 6.73 1.43 12.31
CA TYR A 292 8.04 1.97 11.97
C TYR A 292 8.05 3.49 11.72
N THR A 293 7.09 3.97 10.93
CA THR A 293 7.00 5.39 10.62
C THR A 293 6.58 6.18 11.87
N GLY A 294 5.73 5.56 12.68
CA GLY A 294 5.32 6.14 13.96
C GLY A 294 6.51 6.29 14.88
N LEU A 295 7.40 5.29 14.85
CA LEU A 295 8.62 5.32 15.66
C LEU A 295 9.52 6.47 15.23
N ARG A 296 9.75 6.59 13.92
CA ARG A 296 10.57 7.68 13.38
C ARG A 296 9.99 9.04 13.75
N MET A 297 8.66 9.17 13.68
CA MET A 297 7.99 10.44 13.98
C MET A 297 8.17 10.83 15.44
N TYR A 298 7.99 9.85 16.33
CA TYR A 298 8.16 10.06 17.76
C TYR A 298 9.60 10.45 18.12
N LYS A 299 10.56 9.76 17.54
CA LYS A 299 11.99 10.04 17.76
C LYS A 299 12.37 11.44 17.27
N ALA A 300 11.60 11.96 16.33
CA ALA A 300 11.76 13.34 15.87
C ALA A 300 10.93 14.34 16.72
N GLY A 301 10.40 13.86 17.84
CA GLY A 301 9.66 14.72 18.77
C GLY A 301 8.19 15.00 18.45
N ILE A 302 7.60 14.23 17.53
CA ILE A 302 6.18 14.36 17.22
C ILE A 302 5.33 13.54 18.21
N SER A 303 4.29 14.17 18.72
CA SER A 303 3.42 13.56 19.73
C SER A 303 2.06 14.21 19.61
N PHE A 304 1.01 13.39 19.54
CA PHE A 304 -0.32 13.90 19.19
C PHE A 304 -1.20 14.19 20.40
N ARG A 305 -1.79 15.38 20.40
CA ARG A 305 -2.88 15.73 21.31
C ARG A 305 -4.15 15.09 20.73
N LEU A 306 -5.19 14.99 21.54
CA LEU A 306 -6.40 14.25 21.19
C LEU A 306 -7.02 14.64 19.84
N GLU A 307 -7.15 15.95 19.57
CA GLU A 307 -7.78 16.42 18.32
C GLU A 307 -6.90 16.22 17.09
N GLU A 308 -5.60 16.00 17.29
CA GLU A 308 -4.67 15.68 16.21
C GLU A 308 -4.81 14.22 15.73
N THR A 309 -5.51 13.40 16.52
CA THR A 309 -5.67 11.97 16.18
C THR A 309 -6.97 11.62 15.44
N ILE A 310 -7.85 12.60 15.25
CA ILE A 310 -9.10 12.39 14.51
C ILE A 310 -8.76 11.93 13.10
N VAL A 311 -9.49 10.92 12.61
CA VAL A 311 -9.17 10.30 11.32
C VAL A 311 -9.38 11.24 10.14
N LYS A 312 -8.57 11.05 9.11
CA LYS A 312 -8.63 11.82 7.88
C LYS A 312 -8.83 10.87 6.70
N GLN A 313 -10.08 10.72 6.28
CA GLN A 313 -10.42 9.88 5.12
C GLN A 313 -9.69 10.28 3.85
N LYS A 314 -9.53 11.59 3.63
CA LYS A 314 -8.87 12.11 2.42
C LYS A 314 -7.48 12.70 2.71
N PHE A 315 -6.78 12.12 3.68
CA PHE A 315 -5.41 12.46 4.02
C PHE A 315 -4.51 12.51 2.77
N ARG A 316 -4.02 13.72 2.46
CA ARG A 316 -3.10 13.91 1.33
C ARG A 316 -1.65 13.66 1.77
N THR A 317 -0.92 12.98 0.90
CA THR A 317 0.49 12.63 1.14
C THR A 317 1.40 13.83 1.48
N ASP A 318 1.11 14.98 0.88
CA ASP A 318 1.94 16.16 1.06
C ASP A 318 1.56 17.04 2.27
N GLU A 319 0.60 16.58 3.07
CA GLU A 319 0.17 17.29 4.28
C GLU A 319 1.11 17.04 5.46
N VAL A 320 1.97 16.03 5.35
CA VAL A 320 2.90 15.69 6.43
C VAL A 320 4.31 16.20 6.11
N GLU A 321 4.82 17.07 6.99
CA GLU A 321 6.19 17.54 6.88
C GLU A 321 7.11 16.44 7.41
N ILE A 322 8.02 15.96 6.57
CA ILE A 322 8.90 14.85 6.95
C ILE A 322 10.11 15.41 7.70
N VAL A 323 9.88 15.73 8.97
CA VAL A 323 10.91 16.37 9.80
C VAL A 323 12.00 15.40 10.27
N TRP A 324 11.80 14.12 10.02
CA TRP A 324 12.76 13.10 10.46
C TRP A 324 13.80 12.67 9.42
N HIS A 325 13.75 13.27 8.22
CA HIS A 325 14.72 12.94 7.18
C HIS A 325 15.94 13.85 7.22
#